data_7CHZ
#
_entry.id   7CHZ
#
_cell.length_a   155.694
_cell.length_b   112.699
_cell.length_c   38.935
_cell.angle_alpha   90.000
_cell.angle_beta   94.531
_cell.angle_gamma   90.000
#
_symmetry.space_group_name_H-M   'C 1 2 1'
#
loop_
_entity.id
_entity.type
_entity.pdbx_description
1 polymer 'light chain of antibody binding fragment of IgG26A'
2 polymer 'heavy chain of antibody binding fragment of IgG26A'
3 polymer 'Interleukin-1 beta'
4 water water
#
loop_
_entity_poly.entity_id
_entity_poly.type
_entity_poly.pdbx_seq_one_letter_code
_entity_poly.pdbx_strand_id
1 'polypeptide(L)'
;DIQMTQSPSSLSASVGDRVTITCRASQDVSWGVAWYQQKPGKAPKLLIYSTASLYSGVPSRFSGSGSGTDFTLTISSLQP
EDFATYYCQQYSNFPITFGQGTKVEIKRTVAAPSVFIFPPSDEQLKSGTASVVCLLNNFYPREAKVQWKVDNALQSGNSQ
ESVTEQDSKDSTYSLSSTLTLSKADYEKHKVYACEVTHQGLSSPVTKSFNRGEC
;
L
2 'polypeptide(L)'
;EVQLVESGGGLVQPGGSLRLSCAASGFTIKDMAIHWVRQAPGKGLEWVARIWPREGFTYYADSVKGRFTISADTSKNTAY
LQMNSLRAEDTAVYYCARFNGYWNYIMDYWGQGTLVTVSSASTKGPSVFPLAPSSKSTSGGTAALGCLVKDYFPEPVTVS
WNSGALTSGVHTFPAVLQSSGLYSLSSVVTVPSSSLGTQTYICNVNHKPSNTKVDKKAEPKSCDKTH
;
H
3 'polypeptide(L)'
;LGSRAPVRSLNCTLRDSQQKSLVMSGPYELKALHLQGQDMEQQVVFSMSFVQGEESNDKIPVALGLKEKNLYLSCVLKDD
KPTLQLESVDPKNYPKKKMEKRFVFNKIEINNKLEFESAQFPNWYISTSQAENMPVFLGGTKGGQDITDFTMQFVSS
;
I
#
# COMPACT_ATOMS: atom_id res chain seq x y z
N ASP A 1 15.02 -8.69 5.28
CA ASP A 1 13.60 -8.25 5.08
C ASP A 1 13.10 -7.62 6.40
N ILE A 2 13.44 -6.34 6.60
CA ILE A 2 13.21 -5.51 7.81
C ILE A 2 11.69 -5.40 8.04
N GLN A 3 11.20 -5.84 9.20
CA GLN A 3 9.75 -5.75 9.55
C GLN A 3 9.45 -4.33 10.05
N MET A 4 8.22 -3.86 9.87
CA MET A 4 7.76 -2.53 10.30
C MET A 4 6.47 -2.74 11.09
N THR A 5 6.58 -2.96 12.40
CA THR A 5 5.45 -3.31 13.29
C THR A 5 4.71 -2.01 13.63
N GLN A 6 3.45 -1.90 13.20
CA GLN A 6 2.63 -0.65 13.29
C GLN A 6 1.56 -0.85 14.35
N SER A 7 1.23 0.18 15.13
CA SER A 7 0.28 0.09 16.27
C SER A 7 -0.48 1.38 16.52
N PRO A 8 -1.66 1.29 17.16
CA PRO A 8 -2.45 0.06 17.16
C PRO A 8 -3.01 -0.29 15.76
N SER A 9 -3.40 -1.55 15.58
CA SER A 9 -4.03 -2.10 14.34
C SER A 9 -5.33 -1.37 14.04
N SER A 10 -6.08 -1.01 15.09
CA SER A 10 -7.40 -0.34 14.99
C SER A 10 -7.51 0.69 16.11
N LEU A 11 -7.97 1.90 15.76
CA LEU A 11 -8.15 3.05 16.68
C LEU A 11 -9.51 3.71 16.38
N SER A 12 -10.06 4.39 17.38
CA SER A 12 -11.33 5.17 17.30
C SER A 12 -11.17 6.49 18.05
N ALA A 13 -11.70 7.59 17.49
CA ALA A 13 -11.64 8.94 18.09
C ALA A 13 -12.61 9.91 17.40
N SER A 14 -12.89 11.04 18.06
CA SER A 14 -13.94 12.04 17.72
C SER A 14 -13.30 13.26 17.03
N VAL A 15 -14.00 13.84 16.06
CA VAL A 15 -13.55 15.01 15.24
C VAL A 15 -13.00 16.10 16.18
N GLY A 16 -11.85 16.70 15.84
CA GLY A 16 -11.30 17.90 16.50
C GLY A 16 -10.20 17.61 17.50
N ASP A 17 -10.08 16.37 18.00
CA ASP A 17 -9.05 15.98 19.01
C ASP A 17 -7.88 15.33 18.27
N ARG A 18 -6.76 15.12 18.96
CA ARG A 18 -5.47 14.69 18.34
C ARG A 18 -5.34 13.16 18.42
N VAL A 19 -4.64 12.55 17.47
CA VAL A 19 -4.38 11.08 17.40
C VAL A 19 -2.88 10.84 17.15
N THR A 20 -2.35 9.78 17.75
CA THR A 20 -0.96 9.30 17.61
C THR A 20 -0.99 7.86 17.12
N ILE A 21 -0.47 7.61 15.92
CA ILE A 21 -0.15 6.25 15.41
C ILE A 21 1.36 6.04 15.55
N THR A 22 1.75 4.84 15.96
CA THR A 22 3.16 4.48 16.22
C THR A 22 3.57 3.39 15.24
N CYS A 23 4.87 3.30 14.95
CA CYS A 23 5.50 2.36 14.00
C CYS A 23 6.91 2.03 14.49
N ARG A 24 7.23 0.74 14.62
CA ARG A 24 8.51 0.24 15.17
C ARG A 24 9.24 -0.56 14.10
N ALA A 25 10.55 -0.39 14.01
CA ALA A 25 11.43 -0.98 12.97
C ALA A 25 12.25 -2.11 13.59
N SER A 26 12.37 -3.24 12.88
CA SER A 26 13.09 -4.45 13.33
C SER A 26 14.59 -4.19 13.42
N GLN A 27 15.11 -3.22 12.65
CA GLN A 27 16.52 -2.77 12.74
C GLN A 27 16.60 -1.32 12.27
N ASP A 28 17.80 -0.72 12.27
CA ASP A 28 17.98 0.74 12.08
C ASP A 28 17.79 1.11 10.61
N VAL A 29 16.81 1.97 10.32
CA VAL A 29 16.41 2.41 8.94
C VAL A 29 16.72 3.91 8.76
N SER A 30 17.60 4.50 9.56
CA SER A 30 17.90 5.94 9.51
C SER A 30 16.59 6.74 9.41
N TRP A 31 16.56 7.77 8.56
CA TRP A 31 15.43 8.73 8.45
C TRP A 31 14.60 8.43 7.19
N GLY A 32 14.71 7.23 6.63
CA GLY A 32 14.03 6.87 5.38
C GLY A 32 12.67 6.24 5.63
N VAL A 33 11.74 7.00 6.19
CA VAL A 33 10.40 6.53 6.58
C VAL A 33 9.37 7.50 6.04
N ALA A 34 8.29 6.97 5.48
CA ALA A 34 7.15 7.74 4.95
C ALA A 34 5.85 7.22 5.55
N TRP A 35 4.81 8.04 5.43
CA TRP A 35 3.42 7.80 5.93
C TRP A 35 2.44 8.04 4.79
N TYR A 36 1.50 7.12 4.65
CA TYR A 36 0.52 7.04 3.53
C TYR A 36 -0.87 6.91 4.16
N GLN A 37 -1.84 7.70 3.66
CA GLN A 37 -3.30 7.61 3.95
C GLN A 37 -4.00 6.92 2.78
N GLN A 38 -4.68 5.80 3.04
CA GLN A 38 -5.51 5.05 2.06
C GLN A 38 -6.98 5.11 2.49
N LYS A 39 -7.80 5.87 1.76
CA LYS A 39 -9.28 5.73 1.74
C LYS A 39 -9.62 4.38 1.12
N PRO A 40 -10.67 3.65 1.60
CA PRO A 40 -10.99 2.32 1.05
C PRO A 40 -11.23 2.32 -0.47
N GLY A 41 -10.77 1.26 -1.14
CA GLY A 41 -10.89 1.05 -2.61
C GLY A 41 -10.11 2.07 -3.43
N LYS A 42 -9.12 2.75 -2.84
CA LYS A 42 -8.39 3.87 -3.50
C LYS A 42 -6.87 3.73 -3.29
N ALA A 43 -6.10 4.42 -4.12
CA ALA A 43 -4.63 4.42 -4.05
C ALA A 43 -4.17 5.19 -2.82
N PRO A 44 -3.19 4.67 -2.05
CA PRO A 44 -2.56 5.46 -1.00
C PRO A 44 -2.07 6.80 -1.57
N LYS A 45 -2.06 7.85 -0.75
CA LYS A 45 -1.41 9.15 -1.10
C LYS A 45 -0.42 9.51 0.01
N LEU A 46 0.65 10.20 -0.36
CA LEU A 46 1.79 10.50 0.57
C LEU A 46 1.40 11.63 1.51
N LEU A 47 1.66 11.47 2.80
CA LEU A 47 1.53 12.54 3.82
C LEU A 47 2.92 13.05 4.22
N ILE A 48 3.72 12.20 4.85
CA ILE A 48 5.05 12.54 5.43
C ILE A 48 6.12 11.69 4.73
N TYR A 49 7.25 12.29 4.35
CA TYR A 49 8.43 11.60 3.78
C TYR A 49 9.66 12.00 4.59
N SER A 50 10.71 11.17 4.61
CA SER A 50 11.97 11.43 5.35
C SER A 50 11.67 11.67 6.84
N THR A 51 10.79 10.85 7.43
CA THR A 51 10.44 10.81 8.87
C THR A 51 9.49 11.95 9.28
N ALA A 52 9.72 13.20 8.82
CA ALA A 52 9.09 14.42 9.41
C ALA A 52 8.84 15.54 8.41
N SER A 53 9.25 15.44 7.14
CA SER A 53 8.94 16.47 6.11
C SER A 53 7.51 16.25 5.59
N LEU A 54 6.73 17.31 5.48
CA LEU A 54 5.32 17.24 5.07
C LEU A 54 5.25 17.47 3.56
N TYR A 55 4.67 16.52 2.83
CA TYR A 55 4.59 16.59 1.35
C TYR A 55 3.73 17.80 1.00
N SER A 56 4.16 18.57 0.01
CA SER A 56 3.41 19.69 -0.64
C SER A 56 1.91 19.39 -0.64
N GLY A 57 1.10 20.28 -0.08
CA GLY A 57 -0.37 20.25 -0.19
C GLY A 57 -1.06 19.61 1.00
N VAL A 58 -0.32 18.95 1.90
CA VAL A 58 -0.92 18.18 3.02
C VAL A 58 -1.26 19.14 4.15
N PRO A 59 -2.47 19.05 4.73
CA PRO A 59 -2.81 19.82 5.94
C PRO A 59 -1.76 19.73 7.04
N SER A 60 -1.46 20.87 7.68
CA SER A 60 -0.36 21.07 8.66
C SER A 60 -0.80 20.68 10.08
N ARG A 61 -1.87 19.91 10.21
CA ARG A 61 -2.22 19.16 11.43
C ARG A 61 -1.48 17.81 11.43
N PHE A 62 -1.11 17.32 10.23
CA PHE A 62 -0.37 16.05 10.02
C PHE A 62 1.13 16.24 10.31
N SER A 63 1.69 15.43 11.23
CA SER A 63 3.07 15.60 11.75
C SER A 63 3.75 14.25 11.95
N GLY A 64 5.05 14.21 11.67
CA GLY A 64 5.91 13.02 11.78
C GLY A 64 7.12 13.28 12.66
N SER A 65 7.44 12.35 13.53
CA SER A 65 8.62 12.32 14.42
C SER A 65 9.17 10.90 14.41
N GLY A 66 10.45 10.73 14.72
CA GLY A 66 11.04 9.39 14.78
C GLY A 66 12.49 9.42 15.19
N SER A 67 12.99 8.28 15.69
CA SER A 67 14.35 8.11 16.23
C SER A 67 14.90 6.74 15.81
N GLY A 68 15.33 6.62 14.56
CA GLY A 68 16.16 5.49 14.07
C GLY A 68 15.41 4.18 14.03
N THR A 69 14.79 3.78 15.14
CA THR A 69 14.01 2.52 15.31
C THR A 69 12.53 2.82 15.56
N ASP A 70 12.21 3.88 16.31
CA ASP A 70 10.81 4.21 16.67
C ASP A 70 10.38 5.49 15.95
N PHE A 71 9.24 5.41 15.23
CA PHE A 71 8.65 6.49 14.39
C PHE A 71 7.19 6.66 14.80
N THR A 72 6.64 7.86 14.64
CA THR A 72 5.28 8.20 15.12
C THR A 72 4.62 9.22 14.18
N LEU A 73 3.35 8.99 13.84
CA LEU A 73 2.52 9.96 13.08
C LEU A 73 1.56 10.62 14.07
N THR A 74 1.42 11.94 13.97
CA THR A 74 0.50 12.73 14.80
C THR A 74 -0.39 13.58 13.90
N ILE A 75 -1.68 13.58 14.20
CA ILE A 75 -2.64 14.60 13.71
C ILE A 75 -3.16 15.36 14.94
N SER A 76 -3.04 16.70 14.91
CA SER A 76 -3.22 17.61 16.08
C SER A 76 -4.72 17.84 16.37
N SER A 77 -5.59 17.64 15.38
CA SER A 77 -7.05 17.93 15.43
C SER A 77 -7.72 17.39 14.15
N LEU A 78 -8.42 16.25 14.23
CA LEU A 78 -9.06 15.56 13.08
C LEU A 78 -10.06 16.51 12.40
N GLN A 79 -10.36 16.27 11.12
CA GLN A 79 -11.36 17.02 10.32
C GLN A 79 -12.14 16.02 9.46
N PRO A 80 -13.22 16.42 8.77
CA PRO A 80 -14.09 15.47 8.06
C PRO A 80 -13.39 14.35 7.26
N GLU A 81 -12.51 14.71 6.33
CA GLU A 81 -11.93 13.80 5.29
C GLU A 81 -10.64 13.10 5.82
N ASP A 82 -10.70 12.50 7.02
CA ASP A 82 -9.56 11.79 7.67
C ASP A 82 -9.99 10.42 8.20
N PHE A 83 -11.25 10.03 7.99
CA PHE A 83 -11.67 8.61 7.90
C PHE A 83 -10.80 7.97 6.81
N ALA A 84 -9.73 7.30 7.23
CA ALA A 84 -8.85 6.52 6.33
C ALA A 84 -8.11 5.46 7.14
N THR A 85 -7.38 4.60 6.45
CA THR A 85 -6.28 3.76 7.00
C THR A 85 -4.96 4.51 6.75
N TYR A 86 -3.99 4.39 7.65
CA TYR A 86 -2.67 5.06 7.58
C TYR A 86 -1.59 3.98 7.63
N TYR A 87 -0.64 4.02 6.69
CA TYR A 87 0.46 3.02 6.59
C TYR A 87 1.79 3.75 6.73
N CYS A 88 2.74 3.15 7.45
CA CYS A 88 4.16 3.57 7.51
C CYS A 88 4.93 2.67 6.54
N GLN A 89 6.00 3.19 5.96
CA GLN A 89 6.86 2.48 4.98
C GLN A 89 8.30 2.84 5.32
N GLN A 90 9.26 1.92 5.16
CA GLN A 90 10.70 2.27 5.16
C GLN A 90 11.21 2.14 3.72
N TYR A 91 11.89 3.17 3.19
CA TYR A 91 12.42 3.19 1.80
C TYR A 91 13.96 3.31 1.78
N SER A 92 14.63 3.20 2.93
CA SER A 92 16.11 3.31 3.05
C SER A 92 16.75 1.95 2.81
N ASN A 93 16.05 0.87 3.08
CA ASN A 93 16.54 -0.52 2.89
C ASN A 93 15.63 -1.23 1.88
N PHE A 94 16.23 -1.93 0.91
CA PHE A 94 15.50 -2.73 -0.10
C PHE A 94 15.60 -4.20 0.31
N PRO A 95 14.50 -4.97 0.30
CA PRO A 95 13.21 -4.50 -0.20
C PRO A 95 12.44 -3.51 0.68
N ILE A 96 11.79 -2.54 0.04
CA ILE A 96 10.85 -1.59 0.69
C ILE A 96 9.86 -2.45 1.46
N THR A 97 9.49 -2.05 2.67
CA THR A 97 8.49 -2.78 3.49
C THR A 97 7.50 -1.80 4.13
N PHE A 98 6.30 -2.30 4.40
CA PHE A 98 5.17 -1.53 4.97
C PHE A 98 4.83 -2.11 6.35
N GLY A 99 3.92 -1.43 7.04
CA GLY A 99 3.24 -1.95 8.23
C GLY A 99 1.87 -2.44 7.83
N GLN A 100 1.24 -3.24 8.68
CA GLN A 100 -0.10 -3.84 8.41
C GLN A 100 -1.14 -2.70 8.46
N GLY A 101 -0.74 -1.49 8.81
CA GLY A 101 -1.62 -0.30 8.80
C GLY A 101 -2.40 -0.16 10.10
N THR A 102 -3.11 0.96 10.23
CA THR A 102 -4.02 1.28 11.36
C THR A 102 -5.27 1.95 10.80
N LYS A 103 -6.44 1.36 11.02
CA LYS A 103 -7.73 1.94 10.58
C LYS A 103 -8.14 3.02 11.59
N VAL A 104 -8.39 4.23 11.08
CA VAL A 104 -8.84 5.41 11.86
C VAL A 104 -10.32 5.65 11.55
N GLU A 105 -11.15 5.32 12.53
CA GLU A 105 -12.63 5.29 12.48
C GLU A 105 -13.17 6.40 13.39
N ILE A 106 -13.96 7.32 12.84
CA ILE A 106 -14.45 8.55 13.54
C ILE A 106 -15.69 8.21 14.40
N LYS A 107 -15.55 8.41 15.72
CA LYS A 107 -16.56 8.11 16.77
C LYS A 107 -17.68 9.15 16.79
N ARG A 108 -18.94 8.69 16.91
CA ARG A 108 -20.16 9.53 17.03
C ARG A 108 -20.93 9.13 18.31
N THR A 109 -22.17 9.64 18.45
CA THR A 109 -23.14 9.26 19.52
C THR A 109 -23.63 7.83 19.22
N VAL A 110 -23.65 6.94 20.21
CA VAL A 110 -24.22 5.56 20.07
C VAL A 110 -25.55 5.67 19.32
N ALA A 111 -25.78 4.76 18.38
CA ALA A 111 -26.98 4.72 17.51
C ALA A 111 -27.48 3.29 17.51
N ALA A 112 -28.76 3.09 17.76
CA ALA A 112 -29.35 1.74 17.86
C ALA A 112 -29.52 1.20 16.45
N PRO A 113 -29.31 -0.12 16.23
CA PRO A 113 -29.66 -0.74 14.96
C PRO A 113 -31.17 -0.88 14.79
N SER A 114 -31.66 -0.51 13.59
CA SER A 114 -33.02 -0.83 13.09
C SER A 114 -32.96 -2.16 12.34
N VAL A 115 -33.70 -3.17 12.79
CA VAL A 115 -33.55 -4.57 12.29
C VAL A 115 -34.72 -4.93 11.35
N PHE A 116 -34.38 -5.60 10.26
CA PHE A 116 -35.31 -6.19 9.27
C PHE A 116 -34.91 -7.64 8.97
N ILE A 117 -35.89 -8.46 8.61
CA ILE A 117 -35.66 -9.87 8.18
C ILE A 117 -36.40 -10.04 6.85
N PHE A 118 -35.73 -10.68 5.90
CA PHE A 118 -36.29 -11.00 4.56
C PHE A 118 -36.29 -12.51 4.41
N PRO A 119 -37.47 -13.10 4.09
CA PRO A 119 -37.54 -14.52 3.73
C PRO A 119 -37.00 -14.72 2.32
N PRO A 120 -36.66 -15.97 1.93
CA PRO A 120 -36.23 -16.27 0.57
C PRO A 120 -37.36 -16.01 -0.43
N SER A 121 -37.02 -15.52 -1.63
CA SER A 121 -37.94 -15.32 -2.79
C SER A 121 -38.49 -16.68 -3.26
N ASP A 122 -39.57 -16.67 -4.03
CA ASP A 122 -40.12 -17.88 -4.68
C ASP A 122 -39.12 -18.36 -5.75
N GLU A 123 -38.44 -17.43 -6.42
CA GLU A 123 -37.49 -17.74 -7.50
C GLU A 123 -36.34 -18.62 -6.97
N GLN A 124 -35.74 -18.25 -5.83
CA GLN A 124 -34.57 -18.97 -5.26
C GLN A 124 -34.98 -20.42 -4.94
N LEU A 125 -36.20 -20.60 -4.41
CA LEU A 125 -36.69 -21.91 -3.94
C LEU A 125 -36.88 -22.90 -5.11
N LYS A 126 -36.97 -22.43 -6.36
CA LYS A 126 -37.02 -23.29 -7.58
C LYS A 126 -35.63 -23.89 -7.85
N SER A 127 -34.56 -23.15 -7.51
CA SER A 127 -33.16 -23.53 -7.80
C SER A 127 -32.67 -24.56 -6.76
N GLY A 128 -33.31 -24.61 -5.59
CA GLY A 128 -33.08 -25.64 -4.55
C GLY A 128 -32.32 -25.12 -3.35
N THR A 129 -32.31 -23.80 -3.15
CA THR A 129 -31.66 -23.14 -1.99
C THR A 129 -32.55 -22.03 -1.43
N ALA A 130 -32.33 -21.66 -0.17
CA ALA A 130 -33.00 -20.53 0.49
C ALA A 130 -31.97 -19.69 1.25
N SER A 131 -31.98 -18.38 1.05
CA SER A 131 -31.19 -17.40 1.84
C SER A 131 -32.17 -16.54 2.64
N VAL A 132 -32.09 -16.65 3.94
CA VAL A 132 -32.80 -15.78 4.90
C VAL A 132 -31.83 -14.66 5.28
N VAL A 133 -32.25 -13.42 5.09
CA VAL A 133 -31.38 -12.24 5.27
C VAL A 133 -31.91 -11.44 6.44
N CYS A 134 -30.99 -11.04 7.31
CA CYS A 134 -31.22 -10.13 8.44
C CYS A 134 -30.37 -8.87 8.25
N LEU A 135 -30.94 -7.69 8.45
CA LEU A 135 -30.27 -6.42 8.14
C LEU A 135 -30.27 -5.53 9.38
N LEU A 136 -29.08 -5.13 9.84
CA LEU A 136 -28.91 -4.14 10.93
C LEU A 136 -28.53 -2.83 10.27
N ASN A 137 -29.44 -1.86 10.28
CA ASN A 137 -29.25 -0.63 9.50
C ASN A 137 -28.80 0.47 10.46
N ASN A 138 -27.74 1.17 10.09
CA ASN A 138 -27.41 2.53 10.59
C ASN A 138 -27.12 2.50 12.09
N PHE A 139 -25.95 2.02 12.52
CA PHE A 139 -25.68 1.82 13.97
C PHE A 139 -24.22 2.13 14.33
N TYR A 140 -23.99 2.44 15.60
CA TYR A 140 -22.68 2.74 16.24
C TYR A 140 -22.72 2.35 17.72
N PRO A 141 -21.68 1.70 18.27
CA PRO A 141 -20.47 1.39 17.53
C PRO A 141 -20.65 0.11 16.68
N ARG A 142 -19.55 -0.36 16.08
CA ARG A 142 -19.50 -1.48 15.11
C ARG A 142 -19.87 -2.81 15.79
N GLU A 143 -19.44 -3.07 17.03
CA GLU A 143 -19.64 -4.43 17.60
C GLU A 143 -21.14 -4.71 17.72
N ALA A 144 -21.60 -5.86 17.22
CA ALA A 144 -23.01 -6.31 17.28
C ALA A 144 -23.08 -7.82 17.16
N LYS A 145 -24.04 -8.46 17.81
CA LYS A 145 -24.24 -9.93 17.79
C LYS A 145 -25.57 -10.19 17.10
N VAL A 146 -25.55 -11.07 16.11
CA VAL A 146 -26.74 -11.52 15.33
C VAL A 146 -26.86 -13.01 15.56
N GLN A 147 -27.96 -13.49 16.12
CA GLN A 147 -28.19 -14.93 16.29
C GLN A 147 -29.41 -15.32 15.47
N TRP A 148 -29.30 -16.47 14.81
CA TRP A 148 -30.39 -17.06 14.00
C TRP A 148 -31.10 -18.13 14.81
N LYS A 149 -32.41 -18.06 14.85
CA LYS A 149 -33.24 -19.06 15.56
C LYS A 149 -34.23 -19.64 14.53
N VAL A 150 -34.20 -20.96 14.35
CA VAL A 150 -35.11 -21.74 13.48
C VAL A 150 -35.86 -22.75 14.36
N ASP A 151 -37.16 -22.49 14.61
CA ASP A 151 -37.98 -23.17 15.65
C ASP A 151 -37.21 -23.09 16.98
N ASN A 152 -36.86 -21.84 17.36
CA ASN A 152 -36.33 -21.43 18.69
C ASN A 152 -35.03 -22.19 19.01
N ALA A 153 -34.40 -22.79 18.00
CA ALA A 153 -33.12 -23.51 18.11
C ALA A 153 -31.99 -22.61 17.59
N LEU A 154 -30.95 -22.38 18.38
CA LEU A 154 -29.79 -21.54 17.99
C LEU A 154 -29.06 -22.24 16.84
N GLN A 155 -28.57 -21.48 15.87
CA GLN A 155 -27.90 -22.00 14.64
C GLN A 155 -26.40 -21.76 14.77
N SER A 156 -25.59 -22.57 14.10
CA SER A 156 -24.11 -22.46 14.09
C SER A 156 -23.56 -22.73 12.68
N GLY A 157 -22.64 -21.88 12.22
CA GLY A 157 -21.88 -22.07 10.96
C GLY A 157 -22.76 -22.34 9.75
N ASN A 158 -23.97 -21.78 9.68
CA ASN A 158 -24.75 -21.75 8.41
C ASN A 158 -25.11 -20.29 8.07
N SER A 159 -24.36 -19.30 8.56
CA SER A 159 -24.66 -17.86 8.37
C SER A 159 -23.37 -17.06 8.18
N GLN A 160 -23.37 -16.07 7.28
CA GLN A 160 -22.22 -15.17 7.05
C GLN A 160 -22.64 -13.70 7.24
N GLU A 161 -21.80 -12.90 7.90
CA GLU A 161 -21.99 -11.45 8.10
C GLU A 161 -21.12 -10.67 7.11
N SER A 162 -21.57 -9.48 6.75
CA SER A 162 -20.81 -8.50 5.96
C SER A 162 -21.17 -7.10 6.48
N VAL A 163 -20.19 -6.24 6.70
CA VAL A 163 -20.44 -4.92 7.33
C VAL A 163 -20.01 -3.81 6.37
N THR A 164 -20.81 -2.76 6.23
CA THR A 164 -20.44 -1.58 5.40
C THR A 164 -19.27 -0.87 6.08
N GLU A 165 -18.80 0.20 5.43
CA GLU A 165 -17.90 1.22 6.03
C GLU A 165 -18.78 2.27 6.73
N GLN A 166 -18.18 3.19 7.47
CA GLN A 166 -18.92 4.30 8.11
C GLN A 166 -19.53 5.16 7.01
N ASP A 167 -20.85 5.33 7.06
CA ASP A 167 -21.67 6.12 6.10
C ASP A 167 -21.14 7.55 5.94
N SER A 168 -21.26 8.06 4.71
CA SER A 168 -20.90 9.44 4.26
C SER A 168 -21.27 10.47 5.34
N LYS A 169 -22.57 10.60 5.62
CA LYS A 169 -23.19 11.74 6.35
C LYS A 169 -23.23 11.46 7.86
N ASP A 170 -23.75 10.30 8.27
CA ASP A 170 -24.18 10.04 9.68
C ASP A 170 -23.19 9.13 10.42
N SER A 171 -22.14 8.60 9.77
CA SER A 171 -20.98 7.89 10.40
C SER A 171 -21.34 6.49 10.91
N THR A 172 -22.51 5.95 10.51
CA THR A 172 -23.12 4.69 11.01
C THR A 172 -22.79 3.48 10.12
N TYR A 173 -22.62 2.31 10.76
CA TYR A 173 -22.45 0.97 10.16
C TYR A 173 -23.79 0.36 9.77
N SER A 174 -23.79 -0.53 8.78
CA SER A 174 -24.91 -1.45 8.52
C SER A 174 -24.35 -2.86 8.37
N LEU A 175 -25.19 -3.85 8.56
CA LEU A 175 -24.74 -5.25 8.65
C LEU A 175 -25.78 -6.12 7.98
N SER A 176 -25.34 -7.06 7.16
CA SER A 176 -26.17 -8.13 6.57
C SER A 176 -25.77 -9.44 7.23
N SER A 177 -26.72 -10.29 7.62
CA SER A 177 -26.43 -11.70 8.00
C SER A 177 -27.29 -12.66 7.16
N THR A 178 -26.64 -13.61 6.52
CA THR A 178 -27.23 -14.43 5.43
C THR A 178 -27.18 -15.91 5.81
N LEU A 179 -28.24 -16.39 6.45
CA LEU A 179 -28.51 -17.81 6.81
C LEU A 179 -28.83 -18.60 5.53
N THR A 180 -28.07 -19.64 5.22
CA THR A 180 -28.24 -20.42 3.97
C THR A 180 -28.72 -21.84 4.30
N LEU A 181 -29.83 -22.26 3.69
CA LEU A 181 -30.45 -23.60 3.85
C LEU A 181 -30.80 -24.19 2.48
N SER A 182 -30.94 -25.53 2.44
CA SER A 182 -31.51 -26.30 1.31
C SER A 182 -33.00 -25.98 1.20
N LYS A 183 -33.57 -26.08 0.00
CA LYS A 183 -35.03 -26.25 -0.23
C LYS A 183 -35.59 -27.17 0.86
N ALA A 184 -34.98 -28.35 1.07
CA ALA A 184 -35.43 -29.43 2.00
C ALA A 184 -35.48 -28.91 3.45
N ASP A 185 -34.32 -28.51 3.99
CA ASP A 185 -34.12 -28.06 5.40
C ASP A 185 -35.02 -26.87 5.72
N TYR A 186 -35.26 -25.97 4.76
CA TYR A 186 -36.04 -24.72 4.93
C TYR A 186 -37.53 -25.03 5.12
N GLU A 187 -38.04 -26.04 4.41
CA GLU A 187 -39.50 -26.37 4.38
C GLU A 187 -39.93 -27.12 5.66
N LYS A 188 -39.00 -27.74 6.39
CA LYS A 188 -39.31 -28.62 7.56
C LYS A 188 -39.27 -27.81 8.86
N HIS A 189 -39.28 -26.48 8.77
CA HIS A 189 -39.37 -25.56 9.94
C HIS A 189 -40.33 -24.41 9.62
N LYS A 190 -41.04 -23.91 10.63
CA LYS A 190 -42.09 -22.87 10.46
C LYS A 190 -41.52 -21.48 10.73
N VAL A 191 -40.92 -21.26 11.90
CA VAL A 191 -40.54 -19.89 12.37
C VAL A 191 -39.04 -19.65 12.17
N TYR A 192 -38.69 -18.54 11.52
CA TYR A 192 -37.30 -18.07 11.32
C TYR A 192 -37.13 -16.72 12.02
N ALA A 193 -36.10 -16.60 12.86
CA ALA A 193 -35.92 -15.43 13.74
C ALA A 193 -34.46 -15.00 13.78
N CYS A 194 -34.30 -13.71 14.05
CA CYS A 194 -33.02 -12.98 14.02
C CYS A 194 -32.89 -12.21 15.33
N GLU A 195 -31.95 -12.59 16.20
CA GLU A 195 -31.74 -11.97 17.54
C GLU A 195 -30.53 -11.04 17.48
N VAL A 196 -30.70 -9.79 17.89
CA VAL A 196 -29.67 -8.72 17.75
C VAL A 196 -29.30 -8.14 19.11
N THR A 197 -28.00 -7.96 19.37
CA THR A 197 -27.52 -7.32 20.61
C THR A 197 -26.56 -6.18 20.26
N HIS A 198 -26.65 -5.08 21.00
CA HIS A 198 -25.88 -3.84 20.70
C HIS A 198 -26.03 -2.86 21.86
N GLN A 199 -25.00 -2.02 22.07
CA GLN A 199 -24.91 -1.05 23.19
C GLN A 199 -26.02 -0.01 23.12
N GLY A 200 -26.86 0.00 22.09
CA GLY A 200 -27.90 1.03 21.89
C GLY A 200 -29.28 0.51 22.22
N LEU A 201 -29.38 -0.74 22.65
CA LEU A 201 -30.67 -1.39 22.95
C LEU A 201 -30.72 -1.69 24.44
N SER A 202 -31.90 -1.63 25.03
CA SER A 202 -32.18 -2.07 26.42
C SER A 202 -31.90 -3.57 26.54
N SER A 203 -32.51 -4.36 25.65
CA SER A 203 -32.49 -5.85 25.61
C SER A 203 -32.33 -6.31 24.16
N PRO A 204 -32.15 -7.63 23.93
CA PRO A 204 -32.08 -8.19 22.57
C PRO A 204 -33.34 -7.95 21.74
N VAL A 205 -33.18 -7.44 20.52
CA VAL A 205 -34.28 -7.22 19.53
C VAL A 205 -34.38 -8.44 18.62
N THR A 206 -35.57 -9.04 18.54
CA THR A 206 -35.90 -10.18 17.65
C THR A 206 -36.81 -9.67 16.53
N LYS A 207 -36.48 -10.00 15.27
CA LYS A 207 -37.42 -10.00 14.12
C LYS A 207 -37.61 -11.45 13.66
N SER A 208 -38.77 -11.76 13.10
CA SER A 208 -39.17 -13.15 12.71
C SER A 208 -40.30 -13.15 11.67
N PHE A 209 -40.54 -14.33 11.08
CA PHE A 209 -41.57 -14.63 10.05
C PHE A 209 -41.86 -16.13 10.11
N ASN A 210 -43.08 -16.49 9.68
CA ASN A 210 -43.54 -17.87 9.40
C ASN A 210 -43.56 -18.05 7.88
N ARG A 211 -43.28 -19.25 7.36
CA ARG A 211 -43.18 -19.49 5.89
C ARG A 211 -44.45 -18.98 5.17
N GLY A 212 -45.64 -19.17 5.75
CA GLY A 212 -46.91 -18.59 5.25
C GLY A 212 -47.42 -17.47 6.15
N GLU B 1 -3.12 17.59 -13.41
CA GLU B 1 -3.56 16.21 -13.77
C GLU B 1 -2.30 15.35 -14.04
N VAL B 2 -1.40 15.26 -13.06
CA VAL B 2 -0.27 14.27 -13.04
C VAL B 2 -0.91 12.91 -12.75
N GLN B 3 -0.58 11.89 -13.56
CA GLN B 3 -1.37 10.63 -13.61
C GLN B 3 -0.48 9.43 -13.93
N LEU B 4 -0.67 8.35 -13.16
CA LEU B 4 -0.25 6.98 -13.53
C LEU B 4 -1.51 6.15 -13.80
N VAL B 5 -1.65 5.60 -15.01
CA VAL B 5 -2.85 4.79 -15.36
C VAL B 5 -2.41 3.35 -15.64
N GLU B 6 -3.03 2.39 -14.95
CA GLU B 6 -2.71 0.97 -15.17
C GLU B 6 -3.72 0.29 -16.10
N SER B 7 -3.26 -0.81 -16.70
CA SER B 7 -4.13 -1.71 -17.48
C SER B 7 -3.48 -3.08 -17.54
N GLY B 8 -4.21 -4.09 -18.01
CA GLY B 8 -3.71 -5.43 -18.26
C GLY B 8 -4.19 -6.40 -17.22
N GLY B 9 -4.86 -5.93 -16.16
CA GLY B 9 -5.34 -6.79 -15.07
C GLY B 9 -6.44 -7.76 -15.50
N GLY B 10 -6.94 -8.58 -14.56
CA GLY B 10 -7.97 -9.59 -14.87
C GLY B 10 -7.71 -10.96 -14.30
N LEU B 11 -8.51 -11.89 -14.78
CA LEU B 11 -8.65 -13.28 -14.28
C LEU B 11 -7.80 -14.13 -15.21
N VAL B 12 -6.77 -14.81 -14.68
CA VAL B 12 -5.93 -15.80 -15.42
C VAL B 12 -5.86 -17.11 -14.66
N GLN B 13 -5.60 -18.18 -15.40
CA GLN B 13 -5.32 -19.54 -14.88
C GLN B 13 -4.04 -19.53 -14.10
N PRO B 14 -3.98 -20.33 -13.00
CA PRO B 14 -2.74 -20.62 -12.29
C PRO B 14 -1.68 -21.18 -13.24
N GLY B 15 -0.43 -20.78 -13.01
CA GLY B 15 0.69 -21.11 -13.90
C GLY B 15 0.68 -20.36 -15.22
N GLY B 16 -0.18 -19.35 -15.37
CA GLY B 16 -0.28 -18.49 -16.56
C GLY B 16 0.62 -17.25 -16.48
N SER B 17 0.60 -16.45 -17.54
CA SER B 17 1.28 -15.16 -17.72
C SER B 17 0.24 -14.05 -17.89
N LEU B 18 0.64 -12.84 -17.49
CA LEU B 18 -0.11 -11.58 -17.66
C LEU B 18 0.90 -10.42 -17.66
N ARG B 19 0.76 -9.49 -18.59
CA ARG B 19 1.57 -8.26 -18.59
C ARG B 19 0.69 -7.10 -18.11
N LEU B 20 1.09 -6.50 -17.00
CA LEU B 20 0.57 -5.21 -16.53
C LEU B 20 1.35 -4.09 -17.17
N SER B 21 0.68 -2.96 -17.43
CA SER B 21 1.41 -1.77 -17.94
C SER B 21 0.98 -0.56 -17.12
N CYS B 22 1.87 0.41 -16.95
CA CYS B 22 1.61 1.61 -16.10
C CYS B 22 2.00 2.86 -16.92
N ALA B 23 1.05 3.52 -17.58
CA ALA B 23 1.23 4.73 -18.41
C ALA B 23 1.31 6.00 -17.55
N ALA B 24 2.34 6.83 -17.74
CA ALA B 24 2.50 8.14 -17.06
C ALA B 24 1.96 9.28 -17.94
N SER B 25 1.06 10.11 -17.39
CA SER B 25 0.63 11.41 -18.01
C SER B 25 0.98 12.57 -17.08
N GLY B 26 1.66 13.57 -17.62
CA GLY B 26 1.95 14.84 -16.90
C GLY B 26 3.37 14.89 -16.36
N PHE B 27 4.20 13.87 -16.66
CA PHE B 27 5.62 13.76 -16.28
C PHE B 27 6.30 12.71 -17.15
N THR B 28 7.62 12.79 -17.34
CA THR B 28 8.40 11.73 -18.02
C THR B 28 9.03 10.82 -16.98
N ILE B 29 9.06 9.51 -17.27
CA ILE B 29 9.48 8.45 -16.32
C ILE B 29 10.99 8.28 -16.46
N LYS B 30 11.61 8.96 -17.43
CA LYS B 30 13.05 8.75 -17.76
C LYS B 30 13.93 9.07 -16.55
N ASP B 31 13.55 9.98 -15.66
CA ASP B 31 14.34 10.30 -14.43
C ASP B 31 13.56 9.95 -13.16
N MET B 32 12.60 9.05 -13.26
CA MET B 32 11.80 8.58 -12.13
C MET B 32 12.10 7.10 -11.98
N ALA B 33 11.89 6.53 -10.81
CA ALA B 33 11.81 5.08 -10.64
C ALA B 33 10.32 4.75 -10.68
N ILE B 34 9.94 3.62 -11.27
CA ILE B 34 8.55 3.12 -11.16
C ILE B 34 8.59 1.88 -10.26
N HIS B 35 7.85 1.91 -9.15
CA HIS B 35 7.74 0.80 -8.19
C HIS B 35 6.40 0.12 -8.48
N TRP B 36 6.36 -1.19 -8.26
CA TRP B 36 5.08 -1.93 -8.22
C TRP B 36 4.87 -2.38 -6.79
N VAL B 37 3.65 -2.25 -6.32
CA VAL B 37 3.21 -2.58 -4.94
C VAL B 37 1.90 -3.34 -5.07
N ARG B 38 1.65 -4.32 -4.23
CA ARG B 38 0.39 -5.09 -4.38
C ARG B 38 -0.29 -5.24 -3.03
N GLN B 39 -1.62 -5.40 -3.08
CA GLN B 39 -2.48 -5.48 -1.89
C GLN B 39 -3.37 -6.71 -2.11
N ALA B 40 -3.05 -7.81 -1.43
CA ALA B 40 -3.89 -9.04 -1.47
C ALA B 40 -5.25 -8.72 -0.85
N PRO B 41 -6.34 -9.41 -1.28
CA PRO B 41 -7.68 -9.20 -0.72
C PRO B 41 -7.68 -9.22 0.82
N GLY B 42 -8.09 -8.11 1.44
CA GLY B 42 -8.09 -7.87 2.90
C GLY B 42 -6.72 -8.05 3.54
N LYS B 43 -5.69 -7.45 2.97
CA LYS B 43 -4.31 -7.49 3.54
C LYS B 43 -3.65 -6.13 3.32
N GLY B 44 -2.41 -5.98 3.76
CA GLY B 44 -1.64 -4.74 3.57
C GLY B 44 -0.91 -4.71 2.23
N LEU B 45 -0.05 -3.70 2.09
CA LEU B 45 0.73 -3.43 0.87
C LEU B 45 2.01 -4.27 0.95
N GLU B 46 2.45 -4.81 -0.17
CA GLU B 46 3.68 -5.62 -0.29
C GLU B 46 4.43 -5.10 -1.53
N TRP B 47 5.71 -4.84 -1.36
CA TRP B 47 6.55 -4.23 -2.40
C TRP B 47 6.94 -5.33 -3.39
N VAL B 48 6.75 -5.11 -4.68
CA VAL B 48 7.00 -6.18 -5.70
C VAL B 48 8.36 -5.98 -6.35
N ALA B 49 8.63 -4.78 -6.88
CA ALA B 49 9.80 -4.54 -7.73
C ALA B 49 9.89 -3.08 -8.10
N ARG B 50 11.02 -2.63 -8.62
CA ARG B 50 11.16 -1.26 -9.14
C ARG B 50 12.17 -1.28 -10.27
N ILE B 51 12.01 -0.36 -11.22
CA ILE B 51 12.95 -0.11 -12.35
C ILE B 51 13.25 1.39 -12.41
N TRP B 52 14.52 1.69 -12.67
CA TRP B 52 14.97 3.00 -13.15
C TRP B 52 14.98 2.91 -14.66
N PRO B 53 13.96 3.44 -15.36
CA PRO B 53 13.85 3.30 -16.81
C PRO B 53 15.09 3.74 -17.61
N ARG B 54 15.71 4.86 -17.26
CA ARG B 54 16.88 5.38 -18.04
C ARG B 54 18.03 4.36 -17.94
N GLU B 55 18.40 3.99 -16.71
CA GLU B 55 19.63 3.21 -16.40
C GLU B 55 19.36 1.71 -16.63
N GLY B 56 18.10 1.28 -16.51
CA GLY B 56 17.67 -0.12 -16.68
C GLY B 56 17.89 -0.93 -15.41
N PHE B 57 18.33 -0.31 -14.32
CA PHE B 57 18.49 -0.98 -13.01
C PHE B 57 17.14 -1.54 -12.52
N THR B 58 17.07 -2.84 -12.23
CA THR B 58 15.83 -3.50 -11.75
C THR B 58 16.06 -4.13 -10.39
N TYR B 59 15.00 -4.29 -9.60
CA TYR B 59 15.10 -4.83 -8.22
C TYR B 59 13.77 -5.47 -7.83
N TYR B 60 13.86 -6.71 -7.37
CA TYR B 60 12.66 -7.57 -7.17
C TYR B 60 12.62 -8.01 -5.71
N ALA B 61 11.41 -8.07 -5.15
CA ALA B 61 11.14 -8.87 -3.93
C ALA B 61 11.45 -10.35 -4.22
N ASP B 62 11.92 -11.06 -3.18
CA ASP B 62 12.37 -12.46 -3.27
C ASP B 62 11.22 -13.38 -3.71
N SER B 63 9.99 -13.13 -3.26
CA SER B 63 8.77 -13.88 -3.67
C SER B 63 8.50 -13.77 -5.19
N VAL B 64 8.99 -12.73 -5.87
CA VAL B 64 8.69 -12.62 -7.31
C VAL B 64 9.98 -12.78 -8.11
N LYS B 65 11.16 -12.62 -7.52
CA LYS B 65 12.45 -12.74 -8.26
C LYS B 65 12.45 -14.03 -9.10
N GLY B 66 12.87 -14.00 -10.36
CA GLY B 66 12.87 -15.18 -11.26
C GLY B 66 11.60 -15.30 -12.10
N ARG B 67 10.42 -15.23 -11.47
CA ARG B 67 9.08 -15.39 -12.10
C ARG B 67 8.60 -14.13 -12.81
N PHE B 68 8.78 -12.95 -12.22
CA PHE B 68 8.32 -11.66 -12.80
C PHE B 68 9.50 -10.92 -13.40
N THR B 69 9.26 -10.13 -14.44
CA THR B 69 10.20 -9.25 -15.14
C THR B 69 9.59 -7.84 -15.21
N ILE B 70 10.26 -6.85 -14.65
CA ILE B 70 9.89 -5.42 -14.77
C ILE B 70 10.76 -4.82 -15.88
N SER B 71 10.13 -3.96 -16.70
CA SER B 71 10.76 -3.24 -17.82
C SER B 71 10.00 -1.92 -18.03
N ALA B 72 10.48 -1.12 -18.99
CA ALA B 72 10.03 0.27 -19.21
C ALA B 72 10.44 0.68 -20.62
N ASP B 73 9.52 1.33 -21.33
CA ASP B 73 9.77 1.89 -22.69
C ASP B 73 9.73 3.40 -22.52
N THR B 74 10.87 4.08 -22.49
CA THR B 74 10.87 5.54 -22.19
C THR B 74 10.17 6.26 -23.34
N SER B 75 10.20 5.66 -24.54
CA SER B 75 9.58 6.25 -25.76
C SER B 75 8.04 6.09 -25.69
N LYS B 76 7.53 5.19 -24.85
CA LYS B 76 6.06 5.09 -24.65
C LYS B 76 5.65 5.67 -23.30
N ASN B 77 6.57 6.18 -22.49
CA ASN B 77 6.35 6.77 -21.15
C ASN B 77 5.65 5.77 -20.21
N THR B 78 5.98 4.50 -20.34
CA THR B 78 5.17 3.39 -19.80
C THR B 78 6.11 2.35 -19.18
N ALA B 79 5.71 1.77 -18.06
CA ALA B 79 6.44 0.70 -17.36
C ALA B 79 5.63 -0.58 -17.44
N TYR B 80 6.31 -1.73 -17.33
CA TYR B 80 5.68 -3.07 -17.47
C TYR B 80 6.06 -3.98 -16.31
N LEU B 81 5.12 -4.83 -15.94
CA LEU B 81 5.36 -5.96 -15.02
C LEU B 81 4.90 -7.21 -15.77
N GLN B 82 5.84 -8.04 -16.20
CA GLN B 82 5.50 -9.33 -16.83
C GLN B 82 5.45 -10.37 -15.70
N MET B 83 4.29 -10.97 -15.47
CA MET B 83 4.11 -12.00 -14.40
C MET B 83 3.97 -13.37 -15.05
N ASN B 84 4.81 -14.32 -14.66
CA ASN B 84 4.81 -15.73 -15.13
C ASN B 84 4.74 -16.67 -13.93
N SER B 85 4.32 -17.90 -14.18
CA SER B 85 4.13 -18.93 -13.13
C SER B 85 3.18 -18.39 -12.05
N LEU B 86 2.03 -17.87 -12.46
CA LEU B 86 1.11 -17.22 -11.50
C LEU B 86 0.53 -18.28 -10.56
N ARG B 87 0.42 -17.93 -9.30
CA ARG B 87 -0.20 -18.74 -8.23
C ARG B 87 -1.29 -17.91 -7.56
N ALA B 88 -2.20 -18.58 -6.84
CA ALA B 88 -3.31 -17.91 -6.11
C ALA B 88 -2.75 -16.81 -5.22
N GLU B 89 -1.52 -16.97 -4.72
CA GLU B 89 -0.81 -16.00 -3.82
C GLU B 89 -0.61 -14.66 -4.51
N ASP B 90 -0.61 -14.59 -5.85
CA ASP B 90 -0.32 -13.35 -6.62
C ASP B 90 -1.64 -12.60 -6.86
N THR B 91 -2.76 -13.13 -6.38
CA THR B 91 -4.08 -12.48 -6.54
C THR B 91 -4.00 -11.17 -5.76
N ALA B 92 -4.13 -10.00 -6.39
CA ALA B 92 -4.10 -8.74 -5.64
C ALA B 92 -4.50 -7.57 -6.50
N VAL B 93 -4.73 -6.41 -5.88
CA VAL B 93 -4.68 -5.13 -6.63
C VAL B 93 -3.21 -4.76 -6.77
N TYR B 94 -2.75 -4.54 -7.99
CA TYR B 94 -1.36 -4.13 -8.26
C TYR B 94 -1.32 -2.65 -8.53
N TYR B 95 -0.58 -1.92 -7.71
CA TYR B 95 -0.38 -0.46 -7.94
C TYR B 95 1.01 -0.22 -8.54
N CYS B 96 1.16 0.73 -9.47
CA CYS B 96 2.47 1.30 -9.79
C CYS B 96 2.58 2.73 -9.23
N ALA B 97 3.77 3.16 -8.85
CA ALA B 97 4.00 4.44 -8.16
C ALA B 97 5.35 4.98 -8.56
N ARG B 98 5.51 6.28 -8.63
CA ARG B 98 6.78 6.93 -9.08
C ARG B 98 7.66 7.24 -7.86
N PHE B 99 8.96 7.34 -8.08
CA PHE B 99 9.93 7.67 -7.01
C PHE B 99 10.99 8.58 -7.63
N ASN B 100 11.27 9.72 -7.00
CA ASN B 100 12.46 10.57 -7.28
C ASN B 100 12.87 11.26 -5.97
N GLY B 101 14.08 10.97 -5.51
CA GLY B 101 14.56 11.39 -4.19
C GLY B 101 14.77 12.88 -4.13
N TYR B 102 15.41 13.44 -5.16
CA TYR B 102 15.78 14.88 -5.26
C TYR B 102 14.54 15.76 -5.14
N TRP B 103 13.46 15.43 -5.86
CA TRP B 103 12.22 16.26 -5.92
C TRP B 103 11.20 15.81 -4.88
N ASN B 104 11.60 15.02 -3.90
CA ASN B 104 10.71 14.53 -2.82
C ASN B 104 9.47 13.82 -3.39
N TYR B 105 9.63 13.13 -4.52
CA TYR B 105 8.53 12.33 -5.09
C TYR B 105 8.70 10.93 -4.52
N ILE B 106 8.29 10.74 -3.29
CA ILE B 106 8.45 9.47 -2.52
C ILE B 106 7.12 8.73 -2.62
N MET B 107 6.91 8.03 -3.75
CA MET B 107 5.62 7.40 -4.11
C MET B 107 4.50 8.39 -3.79
N ASP B 108 4.58 9.58 -4.40
CA ASP B 108 3.63 10.69 -4.23
C ASP B 108 2.43 10.51 -5.15
N TYR B 109 2.64 9.87 -6.30
CA TYR B 109 1.55 9.51 -7.24
C TYR B 109 1.54 7.99 -7.39
N TRP B 110 0.34 7.42 -7.28
CA TRP B 110 0.02 5.99 -7.47
C TRP B 110 -0.99 5.85 -8.59
N GLY B 111 -0.92 4.75 -9.35
CA GLY B 111 -2.01 4.38 -10.28
C GLY B 111 -3.28 4.02 -9.53
N GLN B 112 -4.40 3.96 -10.23
CA GLN B 112 -5.71 3.53 -9.67
C GLN B 112 -5.71 2.04 -9.28
N GLY B 113 -4.69 1.24 -9.63
CA GLY B 113 -4.65 -0.20 -9.28
C GLY B 113 -5.45 -1.02 -10.28
N THR B 114 -4.99 -2.21 -10.63
CA THR B 114 -5.70 -3.14 -11.54
C THR B 114 -5.74 -4.46 -10.76
N LEU B 115 -6.94 -5.02 -10.56
CA LEU B 115 -7.13 -6.33 -9.86
C LEU B 115 -6.71 -7.49 -10.77
N VAL B 116 -5.84 -8.36 -10.25
CA VAL B 116 -5.32 -9.60 -10.88
C VAL B 116 -5.84 -10.77 -10.05
N THR B 117 -6.73 -11.57 -10.63
CA THR B 117 -7.28 -12.77 -9.96
C THR B 117 -6.68 -14.01 -10.63
N VAL B 118 -5.89 -14.78 -9.88
CA VAL B 118 -5.34 -16.09 -10.37
C VAL B 118 -6.25 -17.23 -9.87
N SER B 119 -7.03 -17.83 -10.76
CA SER B 119 -7.97 -18.92 -10.39
C SER B 119 -8.28 -19.81 -11.59
N SER B 120 -8.65 -21.06 -11.34
CA SER B 120 -9.06 -22.02 -12.39
C SER B 120 -10.59 -22.01 -12.52
N ALA B 121 -11.28 -21.31 -11.64
CA ALA B 121 -12.74 -21.19 -11.63
C ALA B 121 -13.21 -20.37 -12.84
N SER B 122 -14.24 -20.87 -13.53
CA SER B 122 -14.83 -20.23 -14.74
C SER B 122 -15.52 -18.94 -14.32
N THR B 123 -15.73 -18.01 -15.23
CA THR B 123 -16.57 -16.82 -14.98
C THR B 123 -17.99 -17.30 -14.78
N LYS B 124 -18.77 -16.60 -13.98
CA LYS B 124 -20.20 -16.92 -13.80
C LYS B 124 -20.96 -15.66 -13.39
N GLY B 125 -22.05 -15.35 -14.11
CA GLY B 125 -22.92 -14.20 -13.83
C GLY B 125 -23.75 -14.41 -12.56
N PRO B 126 -24.11 -13.35 -11.82
CA PRO B 126 -24.99 -13.52 -10.66
C PRO B 126 -26.43 -13.87 -11.05
N SER B 127 -27.08 -14.62 -10.16
CA SER B 127 -28.55 -14.69 -10.03
C SER B 127 -28.99 -13.57 -9.08
N VAL B 128 -29.99 -12.79 -9.47
CA VAL B 128 -30.47 -11.68 -8.61
C VAL B 128 -31.85 -12.07 -8.11
N PHE B 129 -32.06 -11.93 -6.80
CA PHE B 129 -33.26 -12.37 -6.07
C PHE B 129 -33.70 -11.21 -5.19
N PRO B 130 -35.00 -10.86 -5.19
CA PRO B 130 -35.45 -9.65 -4.51
C PRO B 130 -35.55 -9.92 -3.01
N LEU B 131 -35.12 -8.97 -2.17
CA LEU B 131 -35.42 -8.92 -0.71
C LEU B 131 -36.64 -8.00 -0.51
N ALA B 132 -37.82 -8.59 -0.30
CA ALA B 132 -39.11 -7.90 -0.06
C ALA B 132 -39.49 -7.97 1.41
N PRO B 133 -40.06 -6.88 1.98
CA PRO B 133 -40.59 -6.90 3.34
C PRO B 133 -41.86 -7.75 3.54
N SER B 134 -41.94 -8.51 4.63
CA SER B 134 -43.05 -9.44 4.98
C SER B 134 -44.25 -8.67 5.57
N SER B 135 -44.03 -7.99 6.71
CA SER B 135 -45.05 -7.20 7.46
C SER B 135 -45.99 -8.15 8.22
N GLY B 141 -41.33 3.95 11.09
CA GLY B 141 -41.82 4.85 10.04
C GLY B 141 -41.40 4.41 8.64
N THR B 142 -40.12 3.99 8.49
CA THR B 142 -39.47 3.62 7.21
C THR B 142 -39.32 2.10 7.08
N ALA B 143 -39.34 1.59 5.85
CA ALA B 143 -39.24 0.15 5.48
C ALA B 143 -37.92 -0.10 4.74
N ALA B 144 -37.61 -1.37 4.48
CA ALA B 144 -36.37 -1.79 3.77
C ALA B 144 -36.74 -2.86 2.77
N LEU B 145 -36.22 -2.71 1.55
CA LEU B 145 -36.23 -3.77 0.51
C LEU B 145 -34.82 -3.86 -0.08
N GLY B 146 -34.51 -4.95 -0.77
CA GLY B 146 -33.19 -5.08 -1.39
C GLY B 146 -33.17 -6.14 -2.45
N CYS B 147 -31.95 -6.51 -2.85
CA CYS B 147 -31.70 -7.70 -3.69
C CYS B 147 -30.39 -8.39 -3.30
N LEU B 148 -30.52 -9.70 -3.32
CA LEU B 148 -29.46 -10.68 -3.04
C LEU B 148 -28.82 -11.02 -4.40
N VAL B 149 -27.57 -10.63 -4.60
CA VAL B 149 -26.78 -10.96 -5.82
C VAL B 149 -25.95 -12.20 -5.47
N LYS B 150 -26.34 -13.35 -6.01
CA LYS B 150 -25.85 -14.65 -5.53
C LYS B 150 -25.06 -15.35 -6.63
N ASP B 151 -23.95 -15.97 -6.20
CA ASP B 151 -23.19 -17.04 -6.91
C ASP B 151 -22.60 -16.50 -8.20
N TYR B 152 -21.71 -15.50 -8.10
CA TYR B 152 -20.95 -14.93 -9.22
C TYR B 152 -19.45 -15.11 -8.97
N PHE B 153 -18.69 -14.97 -10.05
CA PHE B 153 -17.20 -15.01 -10.04
C PHE B 153 -16.66 -14.54 -11.38
N PRO B 154 -15.56 -13.74 -11.41
CA PRO B 154 -14.97 -13.16 -10.21
C PRO B 154 -15.67 -11.87 -9.77
N GLU B 155 -15.14 -11.22 -8.73
CA GLU B 155 -15.27 -9.76 -8.46
C GLU B 155 -14.85 -8.95 -9.67
N PRO B 156 -15.37 -7.71 -9.82
CA PRO B 156 -16.47 -7.21 -8.98
C PRO B 156 -17.82 -7.07 -9.70
N VAL B 157 -18.85 -6.83 -8.90
CA VAL B 157 -20.22 -6.48 -9.37
C VAL B 157 -20.47 -5.02 -8.96
N THR B 158 -21.34 -4.34 -9.68
CA THR B 158 -21.89 -3.03 -9.28
C THR B 158 -23.41 -3.18 -9.10
N VAL B 159 -23.91 -2.50 -8.09
CA VAL B 159 -25.37 -2.39 -7.90
C VAL B 159 -25.74 -0.92 -7.89
N SER B 160 -26.86 -0.61 -8.53
CA SER B 160 -27.51 0.72 -8.53
C SER B 160 -29.01 0.50 -8.33
N TRP B 161 -29.73 1.56 -7.94
CA TRP B 161 -31.20 1.51 -7.72
C TRP B 161 -31.88 2.49 -8.65
N ASN B 162 -32.95 2.05 -9.34
CA ASN B 162 -33.74 2.85 -10.31
C ASN B 162 -32.75 3.64 -11.19
N SER B 163 -31.75 2.90 -11.72
CA SER B 163 -30.71 3.35 -12.69
C SER B 163 -30.01 4.59 -12.13
N GLY B 164 -29.65 4.57 -10.85
CA GLY B 164 -28.90 5.65 -10.17
C GLY B 164 -29.83 6.71 -9.57
N ALA B 165 -31.11 6.74 -9.98
CA ALA B 165 -32.09 7.77 -9.54
C ALA B 165 -32.21 7.75 -8.01
N LEU B 166 -32.26 6.55 -7.38
CA LEU B 166 -32.34 6.36 -5.91
C LEU B 166 -30.93 6.17 -5.32
N THR B 167 -30.51 7.06 -4.44
CA THR B 167 -29.17 7.02 -3.77
C THR B 167 -29.28 7.16 -2.24
N SER B 168 -30.32 7.86 -1.76
CA SER B 168 -30.65 8.05 -0.31
C SER B 168 -30.80 6.69 0.38
N GLY B 169 -29.97 6.43 1.38
CA GLY B 169 -30.12 5.26 2.28
C GLY B 169 -29.88 3.93 1.59
N VAL B 170 -29.03 3.93 0.55
CA VAL B 170 -28.58 2.69 -0.15
C VAL B 170 -27.37 2.15 0.59
N HIS B 171 -27.39 0.84 0.88
CA HIS B 171 -26.26 0.05 1.44
C HIS B 171 -26.03 -1.17 0.56
N THR B 172 -24.84 -1.25 -0.04
CA THR B 172 -24.34 -2.40 -0.81
C THR B 172 -23.15 -2.95 -0.04
N PHE B 173 -23.26 -4.19 0.43
CA PHE B 173 -22.29 -4.78 1.37
C PHE B 173 -21.13 -5.36 0.58
N PRO B 174 -19.97 -5.51 1.23
CA PRO B 174 -18.87 -6.29 0.67
C PRO B 174 -19.32 -7.71 0.30
N ALA B 175 -18.79 -8.23 -0.80
CA ALA B 175 -18.93 -9.63 -1.27
C ALA B 175 -18.33 -10.56 -0.23
N VAL B 176 -19.04 -11.59 0.19
CA VAL B 176 -18.44 -12.73 0.93
C VAL B 176 -18.21 -13.87 -0.06
N LEU B 177 -17.02 -14.46 -0.01
CA LEU B 177 -16.72 -15.76 -0.64
C LEU B 177 -17.56 -16.85 0.06
N GLN B 178 -18.30 -17.64 -0.69
CA GLN B 178 -19.01 -18.82 -0.16
C GLN B 178 -18.12 -20.08 -0.26
N SER B 179 -18.46 -21.13 0.50
CA SER B 179 -17.79 -22.47 0.45
C SER B 179 -17.68 -22.93 -1.01
N SER B 180 -18.74 -22.74 -1.79
CA SER B 180 -18.86 -23.07 -3.24
C SER B 180 -17.72 -22.45 -4.05
N GLY B 181 -17.12 -21.36 -3.57
CA GLY B 181 -16.06 -20.61 -4.27
C GLY B 181 -16.60 -19.44 -5.08
N LEU B 182 -17.93 -19.26 -5.11
CA LEU B 182 -18.60 -18.09 -5.73
C LEU B 182 -18.90 -17.02 -4.66
N TYR B 183 -18.92 -15.77 -5.09
CA TYR B 183 -19.21 -14.62 -4.20
C TYR B 183 -20.72 -14.37 -4.16
N SER B 184 -21.15 -13.77 -3.06
CA SER B 184 -22.54 -13.38 -2.80
C SER B 184 -22.50 -11.99 -2.19
N LEU B 185 -23.44 -11.10 -2.55
CA LEU B 185 -23.68 -9.87 -1.77
C LEU B 185 -25.16 -9.48 -1.82
N SER B 186 -25.49 -8.50 -0.98
CA SER B 186 -26.82 -7.83 -0.90
C SER B 186 -26.65 -6.33 -1.06
N SER B 187 -27.60 -5.73 -1.75
CA SER B 187 -27.86 -4.29 -1.72
C SER B 187 -29.23 -4.09 -1.08
N VAL B 188 -29.32 -3.17 -0.12
CA VAL B 188 -30.60 -2.83 0.56
C VAL B 188 -30.80 -1.33 0.46
N VAL B 189 -32.06 -0.91 0.34
CA VAL B 189 -32.43 0.52 0.50
C VAL B 189 -33.57 0.65 1.53
N THR B 190 -33.41 1.66 2.40
CA THR B 190 -34.43 2.18 3.35
C THR B 190 -35.22 3.31 2.66
N VAL B 191 -36.53 3.11 2.54
CA VAL B 191 -37.47 4.09 1.92
C VAL B 191 -38.68 4.24 2.84
N PRO B 192 -39.51 5.31 2.68
CA PRO B 192 -40.76 5.45 3.43
C PRO B 192 -41.78 4.33 3.12
N SER B 193 -42.43 3.81 4.16
CA SER B 193 -43.44 2.71 4.09
C SER B 193 -44.65 3.14 3.25
N SER B 194 -44.95 4.44 3.19
CA SER B 194 -46.09 5.02 2.44
C SER B 194 -45.86 4.90 0.93
N SER B 195 -44.60 4.81 0.50
CA SER B 195 -44.22 4.81 -0.94
C SER B 195 -44.25 3.39 -1.54
N LEU B 196 -44.58 2.34 -0.78
CA LEU B 196 -44.32 0.93 -1.19
C LEU B 196 -45.25 0.47 -2.31
N GLY B 197 -46.55 0.79 -2.27
CA GLY B 197 -47.54 0.33 -3.26
C GLY B 197 -47.57 1.19 -4.52
N THR B 198 -46.91 2.36 -4.52
CA THR B 198 -47.01 3.42 -5.57
C THR B 198 -45.72 3.53 -6.39
N GLN B 199 -44.55 3.58 -5.74
CA GLN B 199 -43.20 3.60 -6.38
C GLN B 199 -42.74 2.18 -6.69
N THR B 200 -42.03 1.97 -7.81
CA THR B 200 -41.29 0.69 -8.08
C THR B 200 -39.79 0.89 -7.80
N TYR B 201 -39.22 -0.08 -7.08
CA TYR B 201 -37.78 -0.15 -6.74
C TYR B 201 -37.14 -1.31 -7.54
N ILE B 202 -36.33 -0.95 -8.55
CA ILE B 202 -35.56 -1.87 -9.45
C ILE B 202 -34.08 -1.80 -9.05
N CYS B 203 -33.45 -2.91 -8.69
CA CYS B 203 -31.97 -2.89 -8.55
C CYS B 203 -31.33 -3.26 -9.90
N ASN B 204 -30.26 -2.54 -10.27
CA ASN B 204 -29.50 -2.75 -11.53
C ASN B 204 -28.15 -3.42 -11.22
N VAL B 205 -28.02 -4.70 -11.56
CA VAL B 205 -26.77 -5.50 -11.32
C VAL B 205 -25.99 -5.60 -12.62
N ASN B 206 -24.71 -5.27 -12.56
CA ASN B 206 -23.76 -5.31 -13.68
C ASN B 206 -22.59 -6.17 -13.20
N HIS B 207 -22.28 -7.22 -13.95
CA HIS B 207 -21.10 -8.08 -13.73
C HIS B 207 -20.31 -8.09 -15.05
N LYS B 208 -19.40 -7.16 -15.19
CA LYS B 208 -18.64 -6.89 -16.43
C LYS B 208 -17.84 -8.12 -16.83
N PRO B 209 -17.19 -8.88 -15.91
CA PRO B 209 -16.47 -10.11 -16.28
C PRO B 209 -17.27 -11.18 -17.07
N SER B 210 -18.55 -11.35 -16.77
CA SER B 210 -19.44 -12.30 -17.46
C SER B 210 -20.32 -11.59 -18.50
N ASN B 211 -20.11 -10.28 -18.67
CA ASN B 211 -20.93 -9.39 -19.55
C ASN B 211 -22.41 -9.51 -19.20
N THR B 212 -22.77 -9.44 -17.91
CA THR B 212 -24.13 -9.76 -17.40
C THR B 212 -24.73 -8.49 -16.75
N LYS B 213 -25.87 -8.05 -17.29
CA LYS B 213 -26.69 -6.93 -16.75
C LYS B 213 -28.03 -7.50 -16.33
N VAL B 214 -28.42 -7.30 -15.07
CA VAL B 214 -29.72 -7.81 -14.55
C VAL B 214 -30.43 -6.64 -13.89
N ASP B 215 -31.74 -6.53 -14.16
CA ASP B 215 -32.69 -5.58 -13.51
C ASP B 215 -33.70 -6.38 -12.67
N LYS B 216 -33.84 -6.10 -11.38
CA LYS B 216 -34.79 -6.88 -10.55
C LYS B 216 -35.68 -5.98 -9.69
N LYS B 217 -37.00 -6.14 -9.83
CA LYS B 217 -38.03 -5.46 -8.98
C LYS B 217 -38.02 -6.12 -7.60
N ALA B 218 -37.80 -5.31 -6.56
CA ALA B 218 -38.03 -5.65 -5.13
C ALA B 218 -39.46 -5.21 -4.76
N GLU B 219 -40.38 -6.17 -4.68
CA GLU B 219 -41.85 -5.91 -4.73
C GLU B 219 -42.55 -6.58 -3.55
N PRO B 220 -43.39 -5.84 -2.80
CA PRO B 220 -44.16 -6.43 -1.70
C PRO B 220 -45.03 -7.62 -2.13
N PRO C 6 56.27 4.30 -4.89
CA PRO C 6 56.17 3.17 -3.93
C PRO C 6 55.09 3.38 -2.87
N VAL C 7 53.92 3.90 -3.28
CA VAL C 7 52.75 4.19 -2.39
C VAL C 7 51.90 2.94 -2.26
N ARG C 8 51.32 2.72 -1.08
CA ARG C 8 50.45 1.56 -0.76
C ARG C 8 49.01 1.88 -1.18
N SER C 9 48.56 1.32 -2.31
CA SER C 9 47.18 1.43 -2.83
C SER C 9 46.60 0.03 -2.99
N LEU C 10 45.42 -0.21 -2.40
CA LEU C 10 44.61 -1.45 -2.60
C LEU C 10 43.27 -1.07 -3.24
N ASN C 11 42.59 -2.05 -3.86
CA ASN C 11 41.31 -1.90 -4.60
C ASN C 11 40.13 -2.34 -3.74
N CYS C 12 38.98 -1.66 -3.88
CA CYS C 12 37.74 -1.93 -3.10
C CYS C 12 36.50 -1.24 -3.67
N THR C 13 35.37 -1.57 -3.06
CA THR C 13 34.02 -1.04 -3.32
C THR C 13 33.49 -0.54 -1.99
N LEU C 14 32.84 0.62 -2.02
CA LEU C 14 32.21 1.22 -0.82
C LEU C 14 30.71 0.95 -0.90
N ARG C 15 30.09 0.75 0.24
CA ARG C 15 28.65 0.48 0.42
C ARG C 15 28.23 1.26 1.66
N ASP C 16 27.05 1.88 1.64
CA ASP C 16 26.63 2.72 2.80
C ASP C 16 25.89 1.83 3.81
N SER C 17 25.61 2.35 4.99
CA SER C 17 25.07 1.57 6.14
C SER C 17 23.66 1.05 5.83
N GLN C 18 22.99 1.59 4.81
CA GLN C 18 21.66 1.10 4.38
C GLN C 18 21.82 0.27 3.10
N GLN C 19 23.05 -0.14 2.78
CA GLN C 19 23.35 -1.18 1.77
C GLN C 19 23.14 -0.64 0.36
N LYS C 20 23.43 0.64 0.13
CA LYS C 20 23.53 1.23 -1.23
C LYS C 20 24.97 1.13 -1.76
N SER C 21 25.11 0.83 -3.04
CA SER C 21 26.37 0.80 -3.82
C SER C 21 26.59 2.14 -4.55
N LEU C 22 27.84 2.45 -4.89
CA LEU C 22 28.19 3.65 -5.66
C LEU C 22 28.36 3.21 -7.10
N VAL C 23 27.71 3.90 -8.04
CA VAL C 23 27.89 3.71 -9.50
C VAL C 23 28.25 5.06 -10.07
N MET C 24 28.68 5.08 -11.33
CA MET C 24 28.93 6.29 -12.13
C MET C 24 27.59 6.75 -12.71
N SER C 25 27.29 8.03 -12.53
CA SER C 25 26.15 8.75 -13.15
C SER C 25 26.69 9.81 -14.12
N GLY C 26 27.18 9.42 -15.29
CA GLY C 26 27.80 10.38 -16.24
C GLY C 26 29.23 10.70 -15.83
N PRO C 27 30.00 11.45 -16.65
CA PRO C 27 31.47 11.37 -16.61
C PRO C 27 32.10 11.86 -15.29
N TYR C 28 31.41 12.73 -14.53
CA TYR C 28 31.96 13.40 -13.32
C TYR C 28 30.99 13.34 -12.13
N GLU C 29 30.20 12.28 -11.97
CA GLU C 29 29.34 12.14 -10.76
C GLU C 29 29.14 10.67 -10.34
N LEU C 30 29.17 10.40 -9.03
CA LEU C 30 28.75 9.11 -8.43
C LEU C 30 27.35 9.25 -7.86
N LYS C 31 26.52 8.21 -8.00
CA LYS C 31 25.21 8.03 -7.34
C LYS C 31 25.22 6.78 -6.46
N ALA C 32 24.31 6.71 -5.46
CA ALA C 32 24.18 5.58 -4.51
C ALA C 32 22.78 4.97 -4.65
N LEU C 33 22.74 3.69 -5.02
CA LEU C 33 21.47 2.97 -5.25
C LEU C 33 21.66 1.48 -4.94
N HIS C 34 20.56 0.85 -4.61
CA HIS C 34 20.48 -0.60 -4.41
C HIS C 34 20.71 -1.31 -5.74
N LEU C 35 21.66 -2.24 -5.75
CA LEU C 35 21.82 -3.17 -6.89
C LEU C 35 21.53 -4.60 -6.46
N GLN C 36 20.82 -5.32 -7.32
CA GLN C 36 20.51 -6.77 -7.25
C GLN C 36 21.05 -7.47 -8.52
N GLY C 37 21.80 -8.57 -8.35
CA GLY C 37 22.24 -9.43 -9.46
C GLY C 37 23.24 -8.76 -10.38
N GLN C 38 23.09 -8.91 -11.70
CA GLN C 38 24.07 -8.42 -12.72
C GLN C 38 24.12 -6.88 -12.76
N ASP C 39 23.15 -6.19 -12.14
CA ASP C 39 23.26 -4.73 -11.91
C ASP C 39 24.53 -4.47 -11.08
N MET C 40 24.87 -5.36 -10.14
CA MET C 40 25.95 -5.13 -9.13
C MET C 40 27.36 -5.10 -9.75
N GLU C 41 27.53 -5.53 -11.01
CA GLU C 41 28.85 -5.49 -11.70
C GLU C 41 29.09 -4.06 -12.23
N GLN C 42 28.16 -3.14 -12.00
CA GLN C 42 28.25 -1.76 -12.52
C GLN C 42 28.73 -0.82 -11.41
N GLN C 43 28.98 -1.36 -10.22
CA GLN C 43 29.47 -0.59 -9.06
C GLN C 43 30.90 -0.13 -9.36
N VAL C 44 31.27 1.07 -8.89
CA VAL C 44 32.61 1.69 -9.13
C VAL C 44 33.60 1.00 -8.19
N VAL C 45 34.78 0.67 -8.72
CA VAL C 45 35.94 0.14 -7.94
C VAL C 45 36.86 1.32 -7.61
N PHE C 46 37.13 1.53 -6.32
CA PHE C 46 38.03 2.60 -5.79
C PHE C 46 39.45 2.02 -5.59
N SER C 47 40.46 2.64 -6.22
CA SER C 47 41.89 2.47 -5.84
C SER C 47 42.22 3.48 -4.73
N MET C 48 42.10 3.03 -3.48
CA MET C 48 42.38 3.80 -2.23
C MET C 48 43.90 3.79 -1.93
N SER C 49 44.60 4.88 -2.26
CA SER C 49 46.06 5.07 -2.03
C SER C 49 46.32 5.68 -0.65
N PHE C 50 47.03 4.98 0.25
CA PHE C 50 47.38 5.44 1.62
C PHE C 50 48.46 6.51 1.53
N VAL C 51 48.22 7.67 2.15
CA VAL C 51 49.02 8.92 1.91
C VAL C 51 49.40 9.56 3.24
N GLN C 52 50.38 10.46 3.20
CA GLN C 52 51.00 11.12 4.38
C GLN C 52 50.14 12.32 4.80
N GLY C 53 49.92 12.47 6.10
CA GLY C 53 49.04 13.48 6.72
C GLY C 53 48.83 13.18 8.20
N GLU C 54 48.09 14.04 8.89
CA GLU C 54 47.87 13.96 10.37
C GLU C 54 47.15 12.65 10.71
N GLU C 55 47.83 11.77 11.45
CA GLU C 55 47.30 10.46 11.95
C GLU C 55 46.94 10.59 13.44
N SER C 56 45.73 11.04 13.76
CA SER C 56 45.20 11.06 15.16
C SER C 56 44.67 9.65 15.47
N ASN C 57 43.92 9.51 16.57
CA ASN C 57 43.60 8.19 17.22
C ASN C 57 43.11 7.17 16.17
N ASP C 58 41.84 7.28 15.77
CA ASP C 58 41.14 6.27 14.92
C ASP C 58 41.09 6.73 13.45
N LYS C 59 41.84 7.80 13.10
CA LYS C 59 41.88 8.43 11.75
C LYS C 59 43.16 8.03 11.00
N ILE C 60 43.02 7.53 9.77
CA ILE C 60 44.14 7.20 8.83
C ILE C 60 43.97 8.05 7.58
N PRO C 61 44.93 8.92 7.22
CA PRO C 61 44.84 9.70 5.98
C PRO C 61 44.82 8.76 4.75
N VAL C 62 44.09 9.14 3.70
CA VAL C 62 43.85 8.29 2.50
C VAL C 62 43.37 9.15 1.31
N ALA C 63 43.53 8.62 0.10
CA ALA C 63 43.01 9.19 -1.19
C ALA C 63 42.14 8.15 -1.92
N LEU C 64 41.22 8.61 -2.78
CA LEU C 64 40.20 7.76 -3.46
C LEU C 64 40.13 8.10 -4.95
N GLY C 65 40.78 7.26 -5.78
CA GLY C 65 40.69 7.27 -7.25
C GLY C 65 39.75 6.20 -7.76
N LEU C 66 39.46 6.20 -9.06
CA LEU C 66 38.59 5.18 -9.72
C LEU C 66 39.38 4.38 -10.77
N LYS C 67 39.56 3.07 -10.56
CA LYS C 67 40.35 2.16 -11.44
C LYS C 67 40.31 2.68 -12.88
N GLU C 68 41.48 3.06 -13.41
CA GLU C 68 41.75 3.52 -14.81
C GLU C 68 40.52 4.24 -15.40
N LYS C 69 40.05 5.31 -14.74
CA LYS C 69 39.18 6.35 -15.37
C LYS C 69 39.92 7.70 -15.43
N ASN C 70 41.07 7.79 -14.75
CA ASN C 70 41.95 9.00 -14.63
C ASN C 70 41.33 9.98 -13.62
N LEU C 71 40.43 9.50 -12.76
CA LEU C 71 39.56 10.32 -11.88
C LEU C 71 39.91 10.08 -10.42
N TYR C 72 40.03 11.18 -9.65
CA TYR C 72 40.13 11.19 -8.17
C TYR C 72 38.97 12.03 -7.61
N LEU C 73 38.42 11.61 -6.47
CA LEU C 73 37.49 12.40 -5.65
C LEU C 73 38.28 13.55 -5.02
N SER C 74 37.77 14.77 -5.17
CA SER C 74 38.37 16.01 -4.65
C SER C 74 37.30 16.85 -3.97
N CYS C 75 37.69 17.54 -2.90
CA CYS C 75 36.89 18.58 -2.22
C CYS C 75 37.38 19.96 -2.63
N VAL C 76 36.48 20.77 -3.21
CA VAL C 76 36.72 22.17 -3.65
C VAL C 76 35.52 23.00 -3.23
N LEU C 77 35.71 24.32 -3.15
CA LEU C 77 34.64 25.28 -2.81
C LEU C 77 33.83 25.63 -4.05
N LYS C 78 32.52 25.83 -3.88
CA LYS C 78 31.54 26.20 -4.93
C LYS C 78 31.02 27.63 -4.64
N ASP C 79 30.06 27.77 -3.73
CA ASP C 79 29.60 29.10 -3.24
C ASP C 79 30.10 29.26 -1.81
N ASP C 80 31.43 29.32 -1.64
CA ASP C 80 32.13 29.22 -0.32
C ASP C 80 31.59 27.99 0.43
N LYS C 81 31.32 26.88 -0.26
CA LYS C 81 30.78 25.62 0.35
C LYS C 81 31.60 24.43 -0.12
N PRO C 82 32.21 23.63 0.76
CA PRO C 82 32.97 22.49 0.30
C PRO C 82 32.04 21.45 -0.35
N THR C 83 32.52 20.96 -1.49
CA THR C 83 31.75 20.20 -2.49
C THR C 83 32.60 19.02 -2.96
N LEU C 84 31.97 17.85 -3.10
CA LEU C 84 32.59 16.67 -3.73
C LEU C 84 32.55 16.82 -5.26
N GLN C 85 33.65 16.48 -5.91
CA GLN C 85 33.90 16.67 -7.36
C GLN C 85 34.77 15.52 -7.85
N LEU C 86 34.53 15.03 -9.06
CA LEU C 86 35.39 14.00 -9.70
C LEU C 86 36.39 14.76 -10.57
N GLU C 87 37.69 14.49 -10.38
CA GLU C 87 38.77 15.33 -10.97
C GLU C 87 39.69 14.41 -11.78
N SER C 88 39.79 14.69 -13.08
CA SER C 88 40.69 13.97 -14.01
C SER C 88 42.15 14.36 -13.68
N VAL C 89 43.10 13.46 -13.91
CA VAL C 89 44.53 13.76 -13.59
C VAL C 89 45.47 12.83 -14.36
N ASP C 90 46.65 13.34 -14.72
CA ASP C 90 47.72 12.63 -15.47
C ASP C 90 48.00 11.30 -14.79
N PRO C 91 47.79 10.15 -15.47
CA PRO C 91 47.90 8.83 -14.83
C PRO C 91 49.32 8.29 -14.62
N LYS C 92 50.31 8.90 -15.29
CA LYS C 92 51.76 8.57 -15.13
C LYS C 92 52.29 9.23 -13.85
N ASN C 93 51.68 10.33 -13.39
CA ASN C 93 52.06 11.06 -12.15
C ASN C 93 51.50 10.32 -10.91
N TYR C 94 50.20 10.02 -10.90
CA TYR C 94 49.44 9.45 -9.75
C TYR C 94 49.32 7.93 -9.91
N PRO C 95 49.23 7.13 -8.82
CA PRO C 95 49.13 7.65 -7.45
C PRO C 95 50.48 8.05 -6.82
N LYS C 96 50.43 8.91 -5.79
CA LYS C 96 51.60 9.43 -5.03
C LYS C 96 51.33 9.40 -3.53
N LYS C 97 52.37 9.55 -2.71
CA LYS C 97 52.29 9.65 -1.22
C LYS C 97 52.03 11.11 -0.83
N LYS C 98 52.78 12.03 -1.43
CA LYS C 98 52.69 13.49 -1.16
C LYS C 98 51.66 14.10 -2.11
N MET C 99 50.39 14.19 -1.67
CA MET C 99 49.25 14.56 -2.54
C MET C 99 48.50 15.77 -1.98
N GLU C 100 47.96 16.58 -2.90
CA GLU C 100 47.26 17.86 -2.61
C GLU C 100 46.04 17.57 -1.72
N LYS C 101 45.88 18.35 -0.65
CA LYS C 101 44.92 18.12 0.46
C LYS C 101 43.49 17.95 -0.08
N ARG C 102 43.23 18.51 -1.25
CA ARG C 102 41.89 18.44 -1.89
C ARG C 102 41.56 16.98 -2.23
N PHE C 103 42.56 16.13 -2.53
CA PHE C 103 42.31 14.70 -2.85
C PHE C 103 42.30 13.85 -1.57
N VAL C 104 42.50 14.44 -0.39
CA VAL C 104 42.86 13.68 0.84
C VAL C 104 41.66 13.54 1.78
N PHE C 105 41.38 12.31 2.21
CA PHE C 105 40.31 11.98 3.19
C PHE C 105 40.92 11.26 4.41
N ASN C 106 40.42 11.59 5.59
CA ASN C 106 40.69 10.85 6.85
C ASN C 106 39.72 9.67 6.91
N LYS C 107 40.26 8.45 6.95
CA LYS C 107 39.46 7.20 7.10
C LYS C 107 39.16 6.98 8.58
N ILE C 108 38.12 7.64 9.11
CA ILE C 108 37.66 7.49 10.53
C ILE C 108 36.94 6.14 10.69
N GLU C 109 37.11 5.48 11.85
CA GLU C 109 36.45 4.19 12.18
C GLU C 109 35.75 4.33 13.52
N ILE C 110 34.63 5.08 13.58
CA ILE C 110 34.00 5.49 14.87
C ILE C 110 33.37 4.25 15.54
N ASN C 111 32.47 3.54 14.83
CA ASN C 111 31.80 2.31 15.34
C ASN C 111 32.64 1.12 14.87
N ASN C 112 32.01 0.13 14.23
CA ASN C 112 32.69 -0.90 13.39
C ASN C 112 32.42 -0.54 11.93
N LYS C 113 32.40 0.77 11.63
CA LYS C 113 32.06 1.37 10.31
C LYS C 113 33.04 2.51 10.01
N LEU C 114 33.14 2.91 8.73
CA LEU C 114 34.06 3.97 8.21
C LEU C 114 33.28 5.27 7.95
N GLU C 115 33.85 6.40 8.36
CA GLU C 115 33.51 7.76 7.87
C GLU C 115 34.67 8.21 6.97
N PHE C 116 34.45 9.16 6.07
CA PHE C 116 35.53 9.79 5.28
C PHE C 116 35.42 11.30 5.37
N GLU C 117 36.25 11.90 6.23
CA GLU C 117 36.29 13.36 6.49
C GLU C 117 37.27 13.98 5.48
N SER C 118 36.87 15.01 4.73
CA SER C 118 37.80 15.81 3.91
C SER C 118 38.88 16.40 4.83
N ALA C 119 40.13 16.34 4.38
CA ALA C 119 41.33 16.85 5.07
C ALA C 119 41.41 18.36 4.96
N GLN C 120 41.00 18.91 3.81
CA GLN C 120 40.99 20.36 3.53
C GLN C 120 39.83 21.01 4.29
N PHE C 121 38.69 20.32 4.38
CA PHE C 121 37.48 20.85 5.06
C PHE C 121 37.12 19.90 6.20
N PRO C 122 37.73 20.07 7.38
CA PRO C 122 37.39 19.23 8.54
C PRO C 122 35.91 19.43 8.93
N ASN C 123 35.27 18.35 9.39
CA ASN C 123 33.82 18.28 9.75
C ASN C 123 32.95 18.16 8.48
N TRP C 124 33.54 17.87 7.32
CA TRP C 124 32.77 17.55 6.08
C TRP C 124 33.08 16.11 5.61
N TYR C 125 32.05 15.30 5.44
CA TYR C 125 32.14 13.83 5.22
C TYR C 125 31.54 13.47 3.85
N ILE C 126 32.08 12.42 3.19
CA ILE C 126 31.42 11.75 2.03
C ILE C 126 30.10 11.19 2.57
N SER C 127 29.01 11.59 1.94
CA SER C 127 27.63 11.37 2.43
C SER C 127 26.76 10.80 1.30
N THR C 128 25.74 10.03 1.67
CA THR C 128 24.64 9.62 0.75
C THR C 128 23.31 10.12 1.33
N SER C 129 22.33 10.29 0.46
CA SER C 129 20.92 10.59 0.81
C SER C 129 20.23 9.30 1.28
N GLN C 130 19.03 9.40 1.84
CA GLN C 130 18.19 8.23 2.24
C GLN C 130 17.55 7.62 0.97
N ALA C 131 16.97 8.49 0.13
CA ALA C 131 16.41 8.13 -1.18
C ALA C 131 17.58 7.65 -2.06
N GLU C 132 17.38 6.51 -2.72
CA GLU C 132 18.40 5.92 -3.62
C GLU C 132 18.50 6.75 -4.88
N ASN C 133 19.56 6.45 -5.64
CA ASN C 133 19.92 7.02 -6.96
C ASN C 133 20.05 8.54 -6.87
N MET C 134 20.59 9.06 -5.77
CA MET C 134 20.96 10.49 -5.63
C MET C 134 22.48 10.62 -5.47
N PRO C 135 23.04 11.82 -5.79
CA PRO C 135 24.49 12.02 -5.76
C PRO C 135 25.13 11.66 -4.41
N VAL C 136 26.34 11.13 -4.49
CA VAL C 136 27.31 11.15 -3.38
C VAL C 136 27.76 12.61 -3.25
N PHE C 137 27.70 13.17 -2.04
CA PHE C 137 28.04 14.59 -1.80
C PHE C 137 28.91 14.71 -0.56
N LEU C 138 29.45 15.89 -0.36
CA LEU C 138 30.11 16.28 0.92
C LEU C 138 29.07 16.90 1.84
N GLY C 139 28.87 16.33 3.02
CA GLY C 139 27.92 16.77 4.05
C GLY C 139 28.63 17.38 5.26
N GLY C 140 28.10 18.51 5.74
CA GLY C 140 28.71 19.38 6.79
C GLY C 140 28.42 18.90 8.20
N THR C 141 27.30 18.20 8.42
CA THR C 141 27.02 17.52 9.71
C THR C 141 27.36 16.04 9.61
N LYS C 142 27.57 15.44 10.79
CA LYS C 142 27.54 13.99 11.11
C LYS C 142 26.23 13.74 11.87
N GLY C 143 25.72 14.76 12.58
CA GLY C 143 24.52 14.69 13.45
C GLY C 143 23.27 15.29 12.82
N GLY C 144 23.11 15.12 11.49
CA GLY C 144 21.98 15.58 10.66
C GLY C 144 21.15 14.42 10.15
N GLN C 145 20.57 14.53 8.96
CA GLN C 145 19.59 13.53 8.46
C GLN C 145 20.15 12.70 7.27
N ASP C 146 21.48 12.75 7.06
CA ASP C 146 22.18 12.09 5.93
C ASP C 146 23.02 10.92 6.46
N ILE C 147 23.59 10.12 5.54
CA ILE C 147 24.30 8.84 5.81
C ILE C 147 25.78 9.07 5.54
N THR C 148 26.59 9.01 6.59
CA THR C 148 28.05 9.31 6.58
C THR C 148 28.81 8.02 6.90
N ASP C 149 28.07 6.96 7.25
CA ASP C 149 28.61 5.67 7.77
C ASP C 149 28.65 4.67 6.62
N PHE C 150 29.79 4.02 6.41
CA PHE C 150 30.08 3.18 5.22
C PHE C 150 30.68 1.83 5.66
N THR C 151 30.50 0.81 4.81
CA THR C 151 31.25 -0.48 4.82
C THR C 151 32.17 -0.54 3.59
N MET C 152 33.36 -1.12 3.74
CA MET C 152 34.28 -1.37 2.61
C MET C 152 34.35 -2.88 2.39
N GLN C 153 34.47 -3.29 1.13
CA GLN C 153 34.56 -4.71 0.69
C GLN C 153 35.76 -4.82 -0.25
N PHE C 154 36.74 -5.65 0.13
CA PHE C 154 38.07 -5.70 -0.52
C PHE C 154 37.94 -6.49 -1.85
N VAL C 155 38.70 -6.04 -2.86
CA VAL C 155 38.65 -6.51 -4.27
C VAL C 155 40.08 -6.51 -4.82
N SER C 156 40.46 -7.56 -5.57
CA SER C 156 41.84 -7.75 -6.11
C SER C 156 41.77 -7.97 -7.62
#